data_6YIO
#
_entry.id   6YIO
#
_cell.length_a   51.381
_cell.length_b   44.321
_cell.length_c   140.085
_cell.angle_alpha   90.000
_cell.angle_beta   92.410
_cell.angle_gamma   90.000
#
_symmetry.space_group_name_H-M   'P 1 21 1'
#
loop_
_entity.id
_entity.type
_entity.pdbx_description
1 polymer 'Interleukin-2 receptor subunit alpha'
2 polymer 'FAB FRAGMENT HEAVY CHAIN'
3 polymer 'FAB FRGAMENT LIGHT CHAIN'
4 water water
#
loop_
_entity_poly.entity_id
_entity_poly.type
_entity_poly.pdbx_seq_one_letter_code
_entity_poly.pdbx_strand_id
1 'polypeptide(L)'
;ELCDDDPPEIPHATFKAMAYKEGTMLNCECKRGFRRIKSGSLYMLCTGNSSHSSWDNQCQCTSSATRNTTKQVTPQPEEQ
KERKTTEMQSPMQPVDQASLPGHCREPPPWENEATERIYHFVVGQMVYYQCVQGYRALHRGPAESVCKMTHGKTRWTQPQ
LICTGEMETSQFPGEEKPQASPEGRPESETSCAHHHHHHHHHH
;
B
2 'polypeptide(L)'
;QVQLVQSGAEVKKPGSSVKVSCKASGGTFSSLAISWVRQAPGQGLEWMGGIIPIFGTANYAQKFQGRVTITADESTSTAY
MELSSLRSEDTAVYYCARGGSVSGTLVDFDIWGQGTMVTVSSASTKGPSVFPLAPSSKSTSGGTAALGCLVKDYFPEPVT
VSWNSGALTSGVHTFPAVLQSSGLYSLSSVVTVPSSSLGTQTYICNVNHKPSNTKVDKKVEPKSCDK
;
H
3 'polypeptide(L)'
;DIQMTQSPSTLSASVGDRVTITCRASQSISSWLAWYQQKPGKAPKLLIYKASSLESGVPSRFSGSGSGTEFTLTISSLQP
DDFATYYCQQYNIYPITFGGGTKVEIKRTVAAPSVFIFPPSDEQLKSGTASVVCLLNNFYPREAKVQWKVDNALQSGNSQ
ESVTEQDSKDSTYSLSSTLTLSKADYEKHKVYACEVTHQGLSSPVTKSFNRGEC
;
L
#
# COMPACT_ATOMS: atom_id res chain seq x y z
N GLU A 1 -2.08 46.01 -10.42
CA GLU A 1 -1.74 44.61 -10.26
C GLU A 1 -1.69 44.17 -8.79
N LEU A 2 -1.21 45.02 -7.87
CA LEU A 2 -1.14 44.68 -6.45
C LEU A 2 -2.53 44.57 -5.85
N CYS A 3 -2.67 43.66 -4.89
CA CYS A 3 -3.88 43.51 -4.13
C CYS A 3 -3.71 44.43 -2.92
N ASP A 4 -4.67 45.30 -2.67
CA ASP A 4 -4.59 46.22 -1.51
C ASP A 4 -4.54 45.43 -0.21
N ASP A 5 -5.45 44.47 -0.05
CA ASP A 5 -5.50 43.63 1.14
C ASP A 5 -4.43 42.56 1.18
N ASP A 6 -4.04 42.21 2.39
CA ASP A 6 -3.20 41.06 2.66
C ASP A 6 -4.15 39.85 2.56
N PRO A 7 -3.61 38.62 2.34
CA PRO A 7 -4.50 37.44 2.30
C PRO A 7 -5.26 37.27 3.63
N PRO A 8 -6.41 36.58 3.59
CA PRO A 8 -7.21 36.45 4.81
C PRO A 8 -6.46 35.77 5.96
N GLU A 9 -6.63 36.32 7.15
CA GLU A 9 -6.06 35.71 8.35
C GLU A 9 -7.08 34.75 8.88
N ILE A 10 -6.67 33.53 9.13
CA ILE A 10 -7.55 32.51 9.66
C ILE A 10 -7.05 32.22 11.07
N PRO A 11 -7.88 32.39 12.09
CA PRO A 11 -7.43 32.08 13.46
C PRO A 11 -6.97 30.63 13.62
N HIS A 12 -5.78 30.44 14.23
CA HIS A 12 -5.13 29.14 14.47
C HIS A 12 -4.67 28.45 13.19
N ALA A 13 -4.33 29.25 12.19
CA ALA A 13 -3.83 28.79 10.90
C ALA A 13 -2.79 29.78 10.39
N THR A 14 -1.92 29.30 9.51
CA THR A 14 -0.98 30.15 8.81
C THR A 14 -1.09 29.85 7.32
N PHE A 15 -0.60 30.77 6.49
CA PHE A 15 -0.56 30.58 5.06
C PHE A 15 0.86 30.77 4.54
N LYS A 16 1.14 30.21 3.38
CA LYS A 16 2.40 30.47 2.71
C LYS A 16 2.25 30.24 1.22
N ALA A 17 3.02 31.00 0.45
CA ALA A 17 2.98 30.87 -0.99
C ALA A 17 3.90 29.74 -1.43
N MET A 18 3.50 29.05 -2.49
CA MET A 18 4.33 28.02 -3.08
C MET A 18 5.49 28.66 -3.83
N ALA A 19 5.22 29.80 -4.50
CA ALA A 19 6.17 30.60 -5.29
C ALA A 19 5.50 32.00 -5.47
N TYR A 20 6.32 33.03 -5.65
CA TYR A 20 5.84 34.41 -5.78
C TYR A 20 5.66 34.84 -7.22
N LYS A 21 4.46 35.29 -7.61
CA LYS A 21 4.25 35.75 -8.99
C LYS A 21 5.10 36.99 -9.32
N GLU A 22 5.36 37.22 -10.63
CA GLU A 22 6.05 38.44 -11.08
C GLU A 22 5.17 39.64 -10.70
N GLY A 23 5.77 40.65 -10.11
CA GLY A 23 5.03 41.80 -9.60
C GLY A 23 4.99 41.82 -8.08
N THR A 24 5.24 40.67 -7.42
CA THR A 24 5.25 40.61 -5.95
C THR A 24 6.31 41.56 -5.39
N MET A 25 5.96 42.30 -4.33
N MET A 25 5.96 42.34 -4.36
CA MET A 25 6.90 43.21 -3.70
CA MET A 25 6.90 43.26 -3.73
C MET A 25 7.17 42.79 -2.27
C MET A 25 7.13 42.91 -2.27
N LEU A 26 8.36 43.10 -1.76
CA LEU A 26 8.72 42.79 -0.37
C LEU A 26 9.39 44.02 0.19
N ASN A 27 8.92 44.58 1.32
CA ASN A 27 9.54 45.78 1.88
C ASN A 27 10.98 45.53 2.36
N CYS A 28 11.88 46.48 2.12
CA CYS A 28 13.26 46.39 2.58
C CYS A 28 13.29 46.87 4.03
N GLU A 29 12.83 46.02 4.94
CA GLU A 29 12.75 46.34 6.36
C GLU A 29 14.04 45.93 7.07
N CYS A 30 14.41 46.68 8.11
CA CYS A 30 15.62 46.37 8.86
C CYS A 30 15.33 46.05 10.34
N LYS A 31 16.27 45.34 10.97
CA LYS A 31 16.22 44.92 12.38
C LYS A 31 16.37 46.13 13.31
N ARG A 32 15.96 46.00 14.60
CA ARG A 32 16.07 47.09 15.58
C ARG A 32 17.52 47.57 15.72
N GLY A 33 17.71 48.88 15.64
CA GLY A 33 19.05 49.47 15.70
C GLY A 33 19.69 49.64 14.33
N PHE A 34 19.15 48.96 13.30
CA PHE A 34 19.67 49.04 11.94
C PHE A 34 18.71 49.80 11.04
N ARG A 35 19.25 50.67 10.19
CA ARG A 35 18.43 51.45 9.27
C ARG A 35 18.67 51.04 7.81
N ARG A 36 17.74 51.39 6.94
CA ARG A 36 17.83 51.12 5.51
C ARG A 36 18.93 52.01 4.93
N ILE A 37 19.76 51.46 4.03
CA ILE A 37 20.88 52.18 3.43
C ILE A 37 20.42 53.43 2.68
N LYS A 38 21.26 54.48 2.67
CA LYS A 38 20.98 55.76 2.01
C LYS A 38 20.77 55.60 0.50
N SER A 39 19.68 56.21 -0.02
CA SER A 39 19.25 56.16 -1.43
C SER A 39 19.01 54.73 -1.97
N GLY A 40 18.88 53.77 -1.06
CA GLY A 40 18.68 52.38 -1.42
C GLY A 40 17.25 52.06 -1.84
N SER A 41 17.04 50.81 -2.22
CA SER A 41 15.72 50.35 -2.64
C SER A 41 14.80 50.21 -1.43
N LEU A 42 13.54 50.66 -1.56
CA LEU A 42 12.56 50.50 -0.47
C LEU A 42 11.85 49.15 -0.57
N TYR A 43 11.80 48.55 -1.78
CA TYR A 43 11.14 47.27 -1.98
C TYR A 43 11.93 46.40 -2.96
N MET A 44 11.84 45.09 -2.80
CA MET A 44 12.38 44.14 -3.76
C MET A 44 11.18 43.77 -4.63
N LEU A 45 11.40 43.61 -5.93
CA LEU A 45 10.31 43.31 -6.87
C LEU A 45 10.62 42.04 -7.64
N CYS A 46 9.70 41.08 -7.67
CA CYS A 46 9.90 39.87 -8.46
C CYS A 46 9.65 40.20 -9.95
N THR A 47 10.63 39.95 -10.83
CA THR A 47 10.53 40.24 -12.27
C THR A 47 10.84 38.98 -13.08
N GLY A 48 10.71 39.01 -14.41
CA GLY A 48 11.00 37.85 -15.22
C GLY A 48 11.01 38.12 -16.70
N ASN A 49 11.43 37.13 -17.46
CA ASN A 49 11.47 37.19 -18.91
C ASN A 49 11.16 35.78 -19.48
N SER A 50 11.56 35.46 -20.73
CA SER A 50 11.30 34.14 -21.30
C SER A 50 12.21 33.02 -20.74
N SER A 51 13.30 33.39 -20.05
CA SER A 51 14.26 32.41 -19.55
C SER A 51 14.33 32.27 -18.03
N HIS A 52 14.06 33.35 -17.28
CA HIS A 52 14.15 33.25 -15.83
C HIS A 52 13.36 34.33 -15.12
N SER A 53 13.10 34.11 -13.84
CA SER A 53 12.53 35.10 -12.95
C SER A 53 13.57 35.34 -11.84
N SER A 54 13.52 36.51 -11.23
CA SER A 54 14.44 36.85 -10.15
C SER A 54 13.95 38.12 -9.42
N TRP A 55 14.57 38.45 -8.28
CA TRP A 55 14.21 39.63 -7.53
C TRP A 55 15.09 40.79 -7.93
N ASP A 56 14.49 41.91 -8.31
CA ASP A 56 15.20 43.13 -8.70
C ASP A 56 15.21 44.11 -7.54
N ASN A 57 16.16 45.05 -7.55
CA ASN A 57 16.27 46.11 -6.54
C ASN A 57 16.44 45.55 -5.14
N GLN A 58 17.55 44.85 -4.92
CA GLN A 58 17.97 44.19 -3.68
C GLN A 58 17.97 45.09 -2.42
N CYS A 59 17.52 44.54 -1.27
CA CYS A 59 17.45 45.23 0.03
C CYS A 59 18.81 45.34 0.70
N GLN A 60 19.01 46.39 1.51
CA GLN A 60 20.27 46.63 2.22
C GLN A 60 20.11 47.31 3.58
N CYS A 61 20.67 46.71 4.64
CA CYS A 61 20.64 47.25 6.01
C CYS A 61 22.08 47.50 6.49
N MET A 92 24.60 36.15 2.28
CA MET A 92 25.75 35.40 2.79
C MET A 92 26.37 34.58 1.65
N GLN A 93 25.54 33.82 0.91
CA GLN A 93 25.98 33.01 -0.21
C GLN A 93 26.20 33.89 -1.46
N PRO A 94 27.38 33.77 -2.11
CA PRO A 94 27.65 34.61 -3.29
C PRO A 94 26.71 34.42 -4.48
N VAL A 95 26.18 33.20 -4.69
CA VAL A 95 25.27 32.96 -5.81
C VAL A 95 23.82 32.96 -5.36
N ASP A 96 23.02 33.84 -5.96
CA ASP A 96 21.60 33.98 -5.69
C ASP A 96 20.90 33.52 -6.98
N GLN A 97 20.60 32.22 -7.05
CA GLN A 97 20.02 31.59 -8.21
C GLN A 97 18.67 32.16 -8.67
N ALA A 98 18.54 32.30 -9.97
CA ALA A 98 17.30 32.72 -10.58
C ALA A 98 16.34 31.52 -10.60
N SER A 99 15.05 31.79 -10.75
CA SER A 99 14.02 30.76 -10.83
C SER A 99 13.57 30.59 -12.28
N LEU A 100 12.73 29.57 -12.56
CA LEU A 100 12.14 29.42 -13.89
C LEU A 100 11.12 30.58 -14.12
N PRO A 101 10.83 30.93 -15.38
CA PRO A 101 9.94 32.08 -15.64
C PRO A 101 8.55 32.00 -15.02
N GLY A 102 8.01 33.14 -14.64
CA GLY A 102 6.65 33.23 -14.10
C GLY A 102 6.56 33.27 -12.60
N HIS A 103 7.60 32.82 -11.89
CA HIS A 103 7.56 32.80 -10.43
C HIS A 103 8.94 32.93 -9.81
N CYS A 104 9.03 33.60 -8.67
CA CYS A 104 10.25 33.75 -7.89
C CYS A 104 10.18 32.83 -6.67
N ARG A 105 11.33 32.41 -6.19
CA ARG A 105 11.42 31.61 -4.97
C ARG A 105 11.57 32.58 -3.78
N GLU A 106 11.45 32.08 -2.53
CA GLU A 106 11.65 32.90 -1.33
C GLU A 106 13.04 33.53 -1.35
N PRO A 107 13.14 34.88 -1.38
CA PRO A 107 14.48 35.50 -1.45
C PRO A 107 15.36 35.17 -0.24
N PRO A 108 16.68 35.01 -0.48
CA PRO A 108 17.58 34.69 0.64
C PRO A 108 17.63 35.83 1.64
N PRO A 109 17.84 35.50 2.92
CA PRO A 109 17.91 36.56 3.94
C PRO A 109 19.03 37.54 3.66
N TRP A 110 18.80 38.83 3.92
CA TRP A 110 19.84 39.85 3.79
C TRP A 110 20.31 40.25 5.20
N GLU A 111 21.55 40.73 5.33
CA GLU A 111 22.10 41.07 6.64
C GLU A 111 21.34 42.17 7.39
N ASN A 112 21.04 41.90 8.69
CA ASN A 112 20.34 42.79 9.62
C ASN A 112 18.90 43.09 9.19
N GLU A 113 18.25 42.07 8.63
CA GLU A 113 16.89 42.14 8.14
C GLU A 113 15.90 41.95 9.28
N ALA A 114 14.73 42.60 9.20
CA ALA A 114 13.68 42.48 10.20
C ALA A 114 13.18 41.03 10.25
N THR A 115 12.77 40.58 11.43
CA THR A 115 12.31 39.20 11.62
C THR A 115 11.00 38.90 10.87
N GLU A 116 10.16 39.92 10.66
CA GLU A 116 8.90 39.74 9.95
C GLU A 116 9.03 40.24 8.49
N ARG A 117 8.53 39.46 7.52
CA ARG A 117 8.58 39.85 6.11
C ARG A 117 7.24 40.40 5.65
N ILE A 118 7.24 41.64 5.13
CA ILE A 118 6.03 42.29 4.63
C ILE A 118 5.94 42.13 3.11
N TYR A 119 5.13 41.16 2.64
CA TYR A 119 4.92 40.88 1.22
C TYR A 119 3.65 41.55 0.72
N HIS A 120 3.66 41.97 -0.55
CA HIS A 120 2.56 42.58 -1.25
C HIS A 120 2.37 41.78 -2.54
N PHE A 121 1.27 41.03 -2.62
CA PHE A 121 0.97 40.13 -3.71
C PHE A 121 0.17 40.76 -4.86
N VAL A 122 0.20 40.14 -6.04
CA VAL A 122 -0.53 40.62 -7.19
C VAL A 122 -1.72 39.71 -7.55
N VAL A 123 -2.58 40.16 -8.49
CA VAL A 123 -3.74 39.39 -8.97
C VAL A 123 -3.28 38.04 -9.52
N GLY A 124 -3.97 36.97 -9.14
CA GLY A 124 -3.64 35.61 -9.54
C GLY A 124 -2.82 34.85 -8.53
N GLN A 125 -2.26 35.54 -7.51
CA GLN A 125 -1.43 34.89 -6.49
C GLN A 125 -2.24 33.98 -5.58
N MET A 126 -1.76 32.77 -5.37
N MET A 126 -1.75 32.77 -5.37
CA MET A 126 -2.40 31.82 -4.48
CA MET A 126 -2.40 31.82 -4.48
C MET A 126 -1.55 31.59 -3.25
C MET A 126 -1.54 31.58 -3.25
N VAL A 127 -2.20 31.47 -2.10
CA VAL A 127 -1.52 31.14 -0.85
C VAL A 127 -2.25 29.91 -0.29
N TYR A 128 -1.55 29.10 0.50
CA TYR A 128 -2.08 27.83 0.99
C TYR A 128 -2.03 27.82 2.51
N TYR A 129 -3.08 27.29 3.13
CA TYR A 129 -3.21 27.30 4.56
C TYR A 129 -2.98 25.95 5.22
N GLN A 130 -2.61 25.98 6.49
CA GLN A 130 -2.46 24.81 7.34
C GLN A 130 -2.86 25.25 8.73
N CYS A 131 -3.57 24.39 9.48
CA CYS A 131 -3.88 24.68 10.88
C CYS A 131 -2.54 24.64 11.64
N VAL A 132 -2.44 25.42 12.71
CA VAL A 132 -1.29 25.40 13.58
C VAL A 132 -1.33 24.07 14.34
N GLN A 133 -0.16 23.50 14.66
CA GLN A 133 -0.07 22.22 15.34
C GLN A 133 -0.86 22.25 16.69
N GLY A 134 -1.75 21.27 16.86
CA GLY A 134 -2.65 21.24 17.99
C GLY A 134 -4.08 21.66 17.66
N TYR A 135 -4.30 22.10 16.42
CA TYR A 135 -5.59 22.55 15.88
C TYR A 135 -5.93 21.72 14.64
N ARG A 136 -7.21 21.46 14.45
CA ARG A 136 -7.68 20.64 13.35
C ARG A 136 -8.80 21.33 12.59
N ALA A 137 -8.97 20.93 11.33
CA ALA A 137 -10.00 21.48 10.45
C ALA A 137 -11.07 20.47 10.07
N LEU A 138 -12.35 20.89 10.13
CA LEU A 138 -13.46 20.05 9.65
C LEU A 138 -13.52 20.16 8.12
N HIS A 139 -13.12 21.32 7.55
CA HIS A 139 -13.07 21.57 6.11
C HIS A 139 -12.31 20.46 5.39
N ARG A 140 -12.95 19.88 4.37
CA ARG A 140 -12.33 18.82 3.61
C ARG A 140 -11.62 19.38 2.41
N GLY A 141 -10.45 18.83 2.13
CA GLY A 141 -9.68 19.20 0.96
C GLY A 141 -8.83 20.45 1.12
N PRO A 142 -8.36 20.97 -0.04
CA PRO A 142 -7.47 22.13 -0.02
C PRO A 142 -8.04 23.39 0.63
N ALA A 143 -7.20 24.17 1.33
CA ALA A 143 -7.57 25.45 1.95
C ALA A 143 -6.61 26.44 1.31
N GLU A 144 -7.14 27.24 0.40
CA GLU A 144 -6.33 28.18 -0.39
C GLU A 144 -7.07 29.50 -0.54
N SER A 145 -6.33 30.56 -0.87
CA SER A 145 -6.92 31.85 -1.14
C SER A 145 -6.23 32.42 -2.38
N VAL A 146 -7.00 32.96 -3.32
CA VAL A 146 -6.43 33.55 -4.53
C VAL A 146 -6.86 35.02 -4.64
N CYS A 147 -5.94 35.89 -5.09
CA CYS A 147 -6.29 37.29 -5.30
C CYS A 147 -6.97 37.46 -6.63
N LYS A 148 -8.21 37.94 -6.65
CA LYS A 148 -8.95 38.13 -7.87
C LYS A 148 -9.32 39.59 -8.08
N MET A 149 -9.45 40.00 -9.34
CA MET A 149 -9.91 41.32 -9.68
C MET A 149 -11.40 41.12 -9.94
N THR A 150 -12.24 41.50 -8.97
CA THR A 150 -13.68 41.35 -9.04
C THR A 150 -14.37 42.71 -8.84
N HIS A 151 -15.14 43.15 -9.86
CA HIS A 151 -15.87 44.43 -9.89
C HIS A 151 -14.96 45.67 -9.93
N GLY A 152 -13.80 45.55 -10.58
CA GLY A 152 -12.86 46.67 -10.68
C GLY A 152 -11.92 46.83 -9.50
N LYS A 153 -12.05 45.97 -8.47
CA LYS A 153 -11.22 46.01 -7.28
C LYS A 153 -10.64 44.64 -6.97
N THR A 154 -9.52 44.57 -6.24
CA THR A 154 -8.93 43.29 -5.87
C THR A 154 -9.53 42.79 -4.56
N ARG A 155 -9.63 41.47 -4.44
CA ARG A 155 -10.18 40.83 -3.26
C ARG A 155 -9.63 39.40 -3.19
N TRP A 156 -9.31 38.93 -1.99
CA TRP A 156 -8.84 37.55 -1.83
C TRP A 156 -10.06 36.67 -1.62
N THR A 157 -10.07 35.46 -2.20
CA THR A 157 -11.15 34.51 -1.95
C THR A 157 -11.04 34.04 -0.50
N GLN A 158 -12.18 33.71 0.09
CA GLN A 158 -12.19 33.30 1.48
C GLN A 158 -12.04 31.81 1.60
N PRO A 159 -10.94 31.33 2.21
CA PRO A 159 -10.84 29.90 2.47
C PRO A 159 -11.92 29.52 3.49
N GLN A 160 -12.65 28.45 3.22
CA GLN A 160 -13.73 28.03 4.10
C GLN A 160 -13.12 27.22 5.22
N LEU A 161 -12.21 27.85 5.97
CA LEU A 161 -11.43 27.15 6.98
C LEU A 161 -11.60 27.64 8.41
N ILE A 162 -11.91 26.70 9.32
CA ILE A 162 -12.00 26.94 10.76
C ILE A 162 -11.05 25.93 11.44
N CYS A 163 -10.10 26.41 12.25
CA CYS A 163 -9.16 25.54 12.97
C CYS A 163 -9.52 25.51 14.45
N THR A 164 -9.84 24.32 14.98
CA THR A 164 -10.32 24.18 16.35
C THR A 164 -9.43 23.32 17.22
N GLN B 1 -11.11 13.16 -8.52
CA GLN B 1 -10.35 13.97 -9.48
C GLN B 1 -8.81 13.77 -9.34
N VAL B 2 -8.21 14.25 -8.24
CA VAL B 2 -6.78 14.13 -8.00
C VAL B 2 -6.41 12.67 -7.73
N GLN B 3 -5.34 12.20 -8.38
CA GLN B 3 -4.86 10.83 -8.24
C GLN B 3 -3.37 10.84 -7.88
N LEU B 4 -2.92 9.75 -7.28
CA LEU B 4 -1.53 9.60 -6.93
C LEU B 4 -0.94 8.41 -7.71
N VAL B 5 0.09 8.67 -8.50
CA VAL B 5 0.78 7.65 -9.30
C VAL B 5 2.18 7.40 -8.73
N GLN B 6 2.44 6.18 -8.31
CA GLN B 6 3.71 5.82 -7.72
C GLN B 6 4.65 5.14 -8.74
N SER B 7 5.94 5.17 -8.43
CA SER B 7 6.96 4.52 -9.24
C SER B 7 6.82 2.98 -9.18
N GLY B 8 7.48 2.30 -10.12
CA GLY B 8 7.41 0.85 -10.26
C GLY B 8 8.14 0.05 -9.20
N ALA B 9 7.91 -1.26 -9.21
CA ALA B 9 8.48 -2.22 -8.28
C ALA B 9 10.01 -2.15 -8.22
N GLU B 10 10.57 -2.36 -7.04
CA GLU B 10 12.03 -2.32 -6.85
C GLU B 10 12.48 -3.60 -6.21
N VAL B 11 13.64 -4.08 -6.63
CA VAL B 11 14.25 -5.24 -6.04
C VAL B 11 15.60 -4.75 -5.55
N LYS B 12 15.84 -4.87 -4.25
CA LYS B 12 17.00 -4.27 -3.60
C LYS B 12 17.78 -5.27 -2.76
N LYS B 13 19.09 -5.08 -2.65
CA LYS B 13 19.92 -5.92 -1.78
C LYS B 13 19.87 -5.38 -0.35
N PRO B 14 19.99 -6.22 0.70
CA PRO B 14 20.11 -5.66 2.07
C PRO B 14 21.26 -4.66 2.20
N GLY B 15 21.06 -3.65 3.01
CA GLY B 15 22.04 -2.61 3.26
C GLY B 15 21.94 -1.45 2.30
N SER B 16 21.14 -1.57 1.20
CA SER B 16 21.00 -0.49 0.23
C SER B 16 19.85 0.49 0.62
N SER B 17 19.65 1.53 -0.18
CA SER B 17 18.58 2.48 0.01
C SER B 17 17.66 2.44 -1.17
N VAL B 18 16.38 2.73 -0.94
CA VAL B 18 15.40 2.78 -2.01
C VAL B 18 14.71 4.15 -1.92
N LYS B 19 14.43 4.74 -3.08
CA LYS B 19 13.72 6.02 -3.13
C LYS B 19 12.49 5.85 -4.00
N VAL B 20 11.32 5.86 -3.39
CA VAL B 20 10.06 5.68 -4.11
C VAL B 20 9.42 7.05 -4.34
N SER B 21 8.79 7.26 -5.52
CA SER B 21 8.13 8.54 -5.83
C SER B 21 6.61 8.40 -5.89
N CYS B 22 5.92 9.49 -5.66
CA CYS B 22 4.47 9.59 -5.59
C CYS B 22 4.09 10.91 -6.26
N LYS B 23 3.55 10.83 -7.47
CA LYS B 23 3.23 11.99 -8.27
C LYS B 23 1.73 12.25 -8.40
N ALA B 24 1.34 13.51 -8.19
CA ALA B 24 -0.04 13.93 -8.35
C ALA B 24 -0.35 13.99 -9.84
N SER B 25 -1.46 13.39 -10.23
CA SER B 25 -1.90 13.38 -11.62
C SER B 25 -3.31 13.98 -11.65
N GLY B 26 -3.52 14.99 -12.47
CA GLY B 26 -4.83 15.63 -12.57
C GLY B 26 -5.10 16.61 -11.44
N GLY B 27 -4.05 17.31 -11.04
CA GLY B 27 -4.11 18.28 -9.97
C GLY B 27 -2.73 18.59 -9.40
N THR B 28 -2.72 19.26 -8.26
CA THR B 28 -1.51 19.67 -7.55
C THR B 28 -1.56 19.22 -6.09
N PHE B 29 -0.43 19.25 -5.39
CA PHE B 29 -0.36 18.81 -4.01
C PHE B 29 -1.08 19.68 -2.99
N SER B 30 -1.14 20.99 -3.25
CA SER B 30 -1.70 21.98 -2.30
C SER B 30 -0.88 21.92 -0.98
N SER B 31 -1.45 22.31 0.16
CA SER B 31 -0.78 22.14 1.44
C SER B 31 -1.24 20.85 2.16
N LEU B 32 -1.99 19.97 1.49
CA LEU B 32 -2.43 18.72 2.11
C LEU B 32 -1.26 17.75 2.32
N ALA B 33 -1.16 17.20 3.53
CA ALA B 33 -0.07 16.26 3.86
C ALA B 33 0.02 15.08 2.89
N ILE B 34 1.25 14.65 2.55
CA ILE B 34 1.48 13.45 1.75
C ILE B 34 2.21 12.52 2.71
N SER B 35 1.61 11.36 2.96
CA SER B 35 2.13 10.41 3.92
C SER B 35 2.42 9.07 3.29
N TRP B 36 3.20 8.25 3.99
CA TRP B 36 3.61 6.95 3.51
C TRP B 36 3.22 5.87 4.50
N VAL B 37 2.61 4.79 4.00
CA VAL B 37 2.09 3.65 4.78
C VAL B 37 2.52 2.39 4.05
N ARG B 38 3.06 1.42 4.79
CA ARG B 38 3.50 0.17 4.14
C ARG B 38 2.74 -1.03 4.66
N GLN B 39 2.76 -2.10 3.88
CA GLN B 39 2.05 -3.31 4.22
C GLN B 39 2.92 -4.48 3.78
N ALA B 40 3.47 -5.20 4.76
CA ALA B 40 4.30 -6.39 4.53
C ALA B 40 3.38 -7.51 4.00
N PRO B 41 3.89 -8.44 3.18
CA PRO B 41 2.99 -9.49 2.61
C PRO B 41 2.18 -10.23 3.69
N GLY B 42 0.85 -10.22 3.53
CA GLY B 42 -0.07 -10.88 4.47
C GLY B 42 -0.25 -10.18 5.80
N GLN B 43 0.28 -8.96 5.94
CA GLN B 43 0.18 -8.22 7.19
C GLN B 43 -0.74 -6.97 7.04
N GLY B 44 -0.86 -6.21 8.11
CA GLY B 44 -1.65 -4.99 8.17
C GLY B 44 -0.87 -3.77 7.72
N LEU B 45 -1.43 -2.61 7.97
CA LEU B 45 -0.88 -1.31 7.56
C LEU B 45 0.01 -0.72 8.62
N GLU B 46 1.10 -0.05 8.23
CA GLU B 46 2.00 0.58 9.17
C GLU B 46 2.40 1.98 8.66
N TRP B 47 2.16 3.00 9.49
CA TRP B 47 2.50 4.37 9.15
C TRP B 47 4.01 4.58 9.27
N MET B 48 4.58 5.26 8.28
CA MET B 48 6.02 5.55 8.29
C MET B 48 6.27 7.03 8.61
N GLY B 49 5.48 7.88 8.02
CA GLY B 49 5.63 9.31 8.19
C GLY B 49 4.83 10.13 7.20
N GLY B 50 4.94 11.44 7.29
CA GLY B 50 4.27 12.34 6.37
C GLY B 50 4.96 13.69 6.28
N ILE B 51 4.74 14.39 5.19
CA ILE B 51 5.28 15.74 5.00
C ILE B 51 4.15 16.66 4.62
N ILE B 52 4.27 17.94 4.97
CA ILE B 52 3.32 18.95 4.56
C ILE B 52 3.97 19.66 3.38
N PRO B 53 3.46 19.53 2.15
CA PRO B 53 4.06 20.26 1.02
C PRO B 53 3.96 21.76 1.25
N ILE B 54 4.91 22.51 0.67
CA ILE B 54 5.07 23.96 0.77
C ILE B 54 5.68 24.32 2.11
N PHE B 55 5.01 23.93 3.21
CA PHE B 55 5.48 24.21 4.56
C PHE B 55 6.79 23.42 4.84
N GLY B 56 6.88 22.19 4.33
CA GLY B 56 8.06 21.32 4.43
C GLY B 56 8.22 20.53 5.70
N THR B 57 7.28 20.66 6.62
CA THR B 57 7.27 19.99 7.92
C THR B 57 7.05 18.49 7.79
N ALA B 58 7.93 17.66 8.36
CA ALA B 58 7.82 16.21 8.28
C ALA B 58 7.84 15.56 9.64
N ASN B 59 7.08 14.46 9.79
CA ASN B 59 6.99 13.70 11.05
C ASN B 59 7.23 12.24 10.67
N TYR B 60 7.93 11.49 11.53
CA TYR B 60 8.23 10.09 11.26
C TYR B 60 7.91 9.20 12.42
N ALA B 61 7.70 7.90 12.15
CA ALA B 61 7.52 6.90 13.19
C ALA B 61 8.94 6.64 13.76
N GLN B 62 9.10 6.74 15.10
CA GLN B 62 10.41 6.55 15.77
C GLN B 62 10.99 5.17 15.52
N LYS B 63 10.14 4.14 15.36
CA LYS B 63 10.60 2.77 15.11
C LYS B 63 11.48 2.65 13.86
N PHE B 64 11.37 3.59 12.90
CA PHE B 64 12.22 3.56 11.72
C PHE B 64 13.67 3.98 12.02
N GLN B 65 13.93 4.55 13.23
CA GLN B 65 15.27 4.93 13.69
C GLN B 65 16.03 5.83 12.71
N GLY B 66 15.34 6.84 12.18
CA GLY B 66 15.94 7.78 11.25
C GLY B 66 16.24 7.22 9.86
N ARG B 67 15.76 5.99 9.55
CA ARG B 67 16.01 5.41 8.22
C ARG B 67 15.10 5.97 7.12
N VAL B 68 14.02 6.65 7.48
CA VAL B 68 13.08 7.20 6.50
C VAL B 68 13.27 8.72 6.32
N THR B 69 13.33 9.16 5.06
CA THR B 69 13.36 10.58 4.75
C THR B 69 12.24 10.82 3.74
N ILE B 70 11.35 11.79 4.02
CA ILE B 70 10.25 12.12 3.12
C ILE B 70 10.44 13.55 2.62
N THR B 71 10.39 13.75 1.31
CA THR B 71 10.55 15.09 0.70
C THR B 71 9.42 15.35 -0.32
N ALA B 72 9.24 16.61 -0.73
CA ALA B 72 8.24 16.95 -1.72
C ALA B 72 8.80 18.02 -2.66
N ASP B 73 8.47 17.90 -3.96
CA ASP B 73 8.88 18.85 -4.99
C ASP B 73 7.57 19.45 -5.43
N GLU B 74 7.26 20.65 -4.92
CA GLU B 74 6.00 21.32 -5.22
C GLU B 74 5.80 21.65 -6.70
N SER B 75 6.87 22.05 -7.41
CA SER B 75 6.76 22.39 -8.83
C SER B 75 6.34 21.18 -9.71
N THR B 76 6.83 19.97 -9.39
CA THR B 76 6.44 18.77 -10.16
C THR B 76 5.36 17.94 -9.46
N SER B 77 4.82 18.42 -8.31
CA SER B 77 3.83 17.71 -7.48
C SER B 77 4.22 16.25 -7.24
N THR B 78 5.46 16.04 -6.78
CA THR B 78 5.97 14.72 -6.51
C THR B 78 6.52 14.63 -5.09
N ALA B 79 6.16 13.58 -4.37
CA ALA B 79 6.69 13.33 -3.03
C ALA B 79 7.56 12.10 -3.12
N TYR B 80 8.54 12.03 -2.26
CA TYR B 80 9.46 10.91 -2.25
C TYR B 80 9.56 10.33 -0.86
N MET B 81 9.85 9.04 -0.78
CA MET B 81 10.14 8.37 0.46
C MET B 81 11.41 7.60 0.21
N GLU B 82 12.43 7.89 1.00
CA GLU B 82 13.69 7.19 0.90
C GLU B 82 13.87 6.37 2.18
N LEU B 83 14.08 5.06 2.06
CA LEU B 83 14.32 4.18 3.20
C LEU B 83 15.73 3.61 3.03
N SER B 84 16.60 3.88 4.01
CA SER B 84 18.00 3.47 4.02
CA SER B 84 18.00 3.48 4.01
C SER B 84 18.23 2.20 4.85
N SER B 85 19.42 1.56 4.70
CA SER B 85 19.84 0.32 5.38
C SER B 85 18.75 -0.73 5.34
N LEU B 86 18.29 -1.01 4.12
CA LEU B 86 17.22 -1.96 3.92
C LEU B 86 17.51 -3.35 4.46
N ARG B 87 16.50 -3.98 5.03
CA ARG B 87 16.64 -5.36 5.48
C ARG B 87 15.44 -6.14 4.99
N SER B 88 15.52 -7.48 5.04
CA SER B 88 14.44 -8.33 4.54
C SER B 88 13.04 -7.96 5.06
N GLU B 89 12.94 -7.54 6.34
CA GLU B 89 11.70 -7.09 6.99
C GLU B 89 11.10 -5.84 6.36
N ASP B 90 11.87 -5.10 5.54
CA ASP B 90 11.35 -3.96 4.80
C ASP B 90 10.62 -4.38 3.51
N THR B 91 10.57 -5.69 3.18
CA THR B 91 9.83 -6.17 2.01
C THR B 91 8.35 -5.89 2.24
N ALA B 92 7.77 -5.06 1.39
CA ALA B 92 6.39 -4.62 1.56
C ALA B 92 5.92 -3.82 0.33
N VAL B 93 4.58 -3.58 0.26
CA VAL B 93 4.01 -2.67 -0.70
C VAL B 93 4.01 -1.34 0.07
N TYR B 94 4.57 -0.28 -0.53
CA TYR B 94 4.62 1.05 0.07
C TYR B 94 3.60 1.92 -0.63
N TYR B 95 2.75 2.59 0.14
CA TYR B 95 1.73 3.46 -0.41
C TYR B 95 1.98 4.89 0.00
N CYS B 96 1.62 5.78 -0.89
CA CYS B 96 1.55 7.19 -0.52
C CYS B 96 0.05 7.53 -0.45
N ALA B 97 -0.30 8.50 0.39
CA ALA B 97 -1.69 8.87 0.56
C ALA B 97 -1.78 10.33 0.98
N ARG B 98 -2.76 11.03 0.43
CA ARG B 98 -3.02 12.43 0.70
C ARG B 98 -3.92 12.58 1.94
N GLY B 99 -3.69 13.62 2.73
CA GLY B 99 -4.52 13.91 3.88
C GLY B 99 -5.86 14.50 3.49
N GLY B 100 -6.89 14.18 4.28
CA GLY B 100 -8.26 14.63 4.07
C GLY B 100 -8.50 16.09 4.38
N SER B 101 -7.64 16.70 5.22
CA SER B 101 -7.78 18.10 5.61
C SER B 101 -6.41 18.73 5.93
N VAL B 102 -6.37 20.09 6.03
CA VAL B 102 -5.11 20.80 6.31
C VAL B 102 -4.79 20.80 7.83
N SER B 103 -4.94 19.62 8.47
CA SER B 103 -4.69 19.38 9.89
C SER B 103 -3.30 18.75 10.12
N GLY B 104 -2.30 19.22 9.39
CA GLY B 104 -0.94 18.71 9.53
C GLY B 104 -0.83 17.27 9.06
N THR B 105 -0.01 16.46 9.73
CA THR B 105 0.15 15.06 9.35
C THR B 105 -0.72 14.11 10.19
N LEU B 106 -1.49 14.61 11.17
CA LEU B 106 -2.36 13.74 11.97
C LEU B 106 -3.74 13.82 11.33
N VAL B 107 -3.93 13.07 10.26
CA VAL B 107 -5.12 13.14 9.42
C VAL B 107 -5.56 11.74 8.94
N ASP B 108 -6.78 11.68 8.43
CA ASP B 108 -7.30 10.53 7.72
C ASP B 108 -6.69 10.62 6.26
N PHE B 109 -6.60 9.50 5.55
CA PHE B 109 -6.02 9.46 4.20
C PHE B 109 -7.12 9.26 3.18
N ASP B 110 -7.48 10.32 2.41
CA ASP B 110 -8.63 10.19 1.50
C ASP B 110 -8.28 9.73 0.09
N ILE B 111 -7.04 9.96 -0.37
CA ILE B 111 -6.62 9.55 -1.73
C ILE B 111 -5.34 8.76 -1.58
N TRP B 112 -5.26 7.59 -2.19
CA TRP B 112 -4.10 6.72 -2.08
C TRP B 112 -3.48 6.43 -3.43
N GLY B 113 -2.16 6.27 -3.43
CA GLY B 113 -1.42 5.77 -4.59
C GLY B 113 -1.70 4.29 -4.78
N GLN B 114 -1.30 3.74 -5.94
CA GLN B 114 -1.55 2.32 -6.24
C GLN B 114 -0.63 1.34 -5.47
N GLY B 115 0.47 1.83 -4.95
CA GLY B 115 1.40 1.00 -4.20
C GLY B 115 2.65 0.69 -5.01
N THR B 116 3.77 0.51 -4.32
CA THR B 116 5.04 0.17 -4.93
C THR B 116 5.58 -1.04 -4.16
N MET B 117 5.71 -2.18 -4.82
CA MET B 117 6.27 -3.35 -4.15
C MET B 117 7.79 -3.17 -4.08
N VAL B 118 8.37 -3.31 -2.90
CA VAL B 118 9.81 -3.25 -2.72
C VAL B 118 10.20 -4.59 -2.09
N THR B 119 11.08 -5.36 -2.78
CA THR B 119 11.58 -6.63 -2.28
C THR B 119 13.03 -6.43 -1.83
N VAL B 120 13.37 -6.78 -0.60
CA VAL B 120 14.73 -6.68 -0.10
C VAL B 120 15.20 -8.12 0.10
N SER B 121 16.25 -8.48 -0.63
CA SER B 121 16.76 -9.85 -0.59
C SER B 121 18.19 -9.96 -1.07
N SER B 122 18.92 -10.92 -0.50
CA SER B 122 20.28 -11.21 -0.95
C SER B 122 20.27 -12.05 -2.26
N ALA B 123 19.11 -12.66 -2.63
CA ALA B 123 18.95 -13.50 -3.81
C ALA B 123 19.20 -12.72 -5.13
N SER B 124 19.55 -13.45 -6.17
CA SER B 124 19.78 -12.87 -7.48
C SER B 124 18.67 -13.38 -8.41
N THR B 125 18.40 -12.67 -9.51
CA THR B 125 17.40 -13.12 -10.50
C THR B 125 17.66 -14.55 -10.96
N LYS B 126 16.61 -15.36 -10.98
CA LYS B 126 16.71 -16.76 -11.34
C LYS B 126 15.35 -17.20 -11.82
N GLY B 127 15.31 -17.82 -13.00
CA GLY B 127 14.09 -18.36 -13.58
C GLY B 127 13.70 -19.66 -12.89
N PRO B 128 12.43 -20.05 -12.97
CA PRO B 128 12.01 -21.25 -12.24
C PRO B 128 12.27 -22.54 -12.96
N SER B 129 12.28 -23.63 -12.18
CA SER B 129 12.29 -24.96 -12.76
C SER B 129 10.80 -25.33 -12.71
N VAL B 130 10.23 -25.92 -13.76
CA VAL B 130 8.80 -26.27 -13.77
C VAL B 130 8.62 -27.79 -13.78
N PHE B 131 8.13 -28.35 -12.67
CA PHE B 131 7.96 -29.79 -12.53
C PHE B 131 6.48 -30.15 -12.63
N PRO B 132 6.17 -31.31 -13.22
CA PRO B 132 4.78 -31.71 -13.30
C PRO B 132 4.27 -32.30 -11.99
N LEU B 133 2.98 -32.13 -11.74
CA LEU B 133 2.27 -32.76 -10.65
C LEU B 133 1.34 -33.70 -11.45
N ALA B 134 1.85 -34.89 -11.76
CA ALA B 134 1.17 -35.85 -12.63
C ALA B 134 -0.15 -36.38 -12.10
N PRO B 135 -1.14 -36.57 -13.00
CA PRO B 135 -2.43 -37.10 -12.53
C PRO B 135 -2.28 -38.55 -12.09
N GLY B 143 -13.51 -40.60 -11.29
CA GLY B 143 -14.33 -39.49 -11.76
C GLY B 143 -13.52 -38.24 -12.11
N THR B 144 -12.93 -37.63 -11.10
CA THR B 144 -12.16 -36.39 -11.28
C THR B 144 -10.69 -36.61 -10.96
N ALA B 145 -9.80 -36.08 -11.77
CA ALA B 145 -8.36 -36.17 -11.59
C ALA B 145 -7.80 -34.79 -11.33
N ALA B 146 -6.76 -34.70 -10.51
CA ALA B 146 -6.09 -33.44 -10.27
C ALA B 146 -4.68 -33.55 -10.85
N LEU B 147 -4.24 -32.47 -11.47
CA LEU B 147 -2.89 -32.38 -12.03
C LEU B 147 -2.44 -30.92 -11.90
N GLY B 148 -1.17 -30.66 -12.12
CA GLY B 148 -0.67 -29.30 -12.04
C GLY B 148 0.78 -29.17 -12.34
N CYS B 149 1.35 -28.04 -11.92
N CYS B 149 1.36 -28.03 -11.95
CA CYS B 149 2.75 -27.71 -12.08
CA CYS B 149 2.77 -27.77 -12.13
C CYS B 149 3.26 -27.10 -10.81
C CYS B 149 3.31 -27.05 -10.89
N LEU B 150 4.50 -27.46 -10.45
CA LEU B 150 5.19 -26.90 -9.33
C LEU B 150 6.28 -26.02 -9.97
N VAL B 151 6.14 -24.70 -9.84
CA VAL B 151 7.03 -23.66 -10.39
C VAL B 151 7.97 -23.30 -9.27
N LYS B 152 9.14 -23.92 -9.26
CA LYS B 152 10.04 -23.84 -8.14
C LYS B 152 11.30 -23.00 -8.34
N ASP B 153 11.78 -22.44 -7.24
CA ASP B 153 13.09 -21.77 -7.14
C ASP B 153 13.30 -20.61 -8.09
N TYR B 154 12.41 -19.61 -8.00
CA TYR B 154 12.60 -18.41 -8.82
C TYR B 154 12.72 -17.17 -7.94
N PHE B 155 13.21 -16.09 -8.53
CA PHE B 155 13.35 -14.82 -7.85
C PHE B 155 13.54 -13.75 -8.93
N PRO B 156 12.96 -12.57 -8.73
CA PRO B 156 11.98 -12.20 -7.70
C PRO B 156 10.56 -12.56 -8.18
N GLU B 157 9.53 -12.14 -7.44
CA GLU B 157 8.15 -12.24 -7.89
C GLU B 157 7.99 -11.19 -9.02
N PRO B 158 7.06 -11.40 -9.95
CA PRO B 158 6.07 -12.49 -9.98
C PRO B 158 6.30 -13.50 -11.10
N VAL B 159 5.56 -14.60 -11.04
CA VAL B 159 5.43 -15.51 -12.15
C VAL B 159 3.94 -15.50 -12.53
N THR B 160 3.64 -15.81 -13.80
CA THR B 160 2.25 -15.96 -14.21
C THR B 160 2.08 -17.37 -14.70
N VAL B 161 0.88 -17.94 -14.46
CA VAL B 161 0.59 -19.29 -14.93
C VAL B 161 -0.74 -19.30 -15.66
N SER B 162 -0.80 -19.91 -16.84
CA SER B 162 -2.06 -20.16 -17.55
C SER B 162 -2.07 -21.67 -17.91
N TRP B 163 -3.21 -22.17 -18.35
CA TRP B 163 -3.38 -23.55 -18.77
C TRP B 163 -3.94 -23.56 -20.15
N ASN B 164 -3.28 -24.34 -21.03
CA ASN B 164 -3.63 -24.48 -22.46
C ASN B 164 -3.77 -23.14 -23.16
N SER B 165 -2.82 -22.24 -22.88
CA SER B 165 -2.75 -20.88 -23.42
C SER B 165 -4.01 -20.06 -23.14
N GLY B 166 -4.64 -20.30 -21.99
CA GLY B 166 -5.82 -19.56 -21.61
C GLY B 166 -7.13 -20.22 -21.98
N ALA B 167 -7.09 -21.28 -22.78
CA ALA B 167 -8.30 -22.02 -23.16
C ALA B 167 -8.89 -22.81 -21.97
N LEU B 168 -8.07 -23.16 -20.97
CA LEU B 168 -8.53 -23.88 -19.80
C LEU B 168 -8.50 -22.98 -18.55
N THR B 169 -9.69 -22.61 -18.03
CA THR B 169 -9.82 -21.78 -16.84
C THR B 169 -10.67 -22.46 -15.75
N SER B 170 -11.64 -23.30 -16.16
CA SER B 170 -12.48 -24.00 -15.18
C SER B 170 -11.64 -24.96 -14.33
N GLY B 171 -11.85 -24.93 -13.03
CA GLY B 171 -11.17 -25.83 -12.11
C GLY B 171 -9.73 -25.50 -11.80
N VAL B 172 -9.22 -24.36 -12.28
CA VAL B 172 -7.84 -23.97 -12.07
C VAL B 172 -7.67 -23.27 -10.71
N HIS B 173 -6.62 -23.62 -9.95
CA HIS B 173 -6.29 -22.91 -8.73
C HIS B 173 -4.79 -22.63 -8.77
N THR B 174 -4.39 -21.35 -8.82
CA THR B 174 -2.99 -20.94 -8.82
C THR B 174 -2.77 -20.31 -7.45
N PHE B 175 -1.96 -20.96 -6.65
CA PHE B 175 -1.72 -20.60 -5.27
C PHE B 175 -0.78 -19.42 -5.13
N PRO B 176 -0.91 -18.67 -4.01
CA PRO B 176 0.08 -17.62 -3.74
C PRO B 176 1.48 -18.26 -3.62
N ALA B 177 2.50 -17.56 -4.09
CA ALA B 177 3.87 -18.03 -3.96
C ALA B 177 4.28 -18.03 -2.51
N VAL B 178 5.16 -18.93 -2.15
CA VAL B 178 5.74 -18.97 -0.82
C VAL B 178 7.25 -18.71 -0.96
N LEU B 179 7.81 -18.01 0.02
CA LEU B 179 9.24 -17.73 0.07
C LEU B 179 9.87 -18.85 0.88
N GLN B 180 10.75 -19.62 0.24
CA GLN B 180 11.45 -20.71 0.89
C GLN B 180 12.62 -20.19 1.72
N SER B 181 13.13 -21.03 2.63
CA SER B 181 14.29 -20.73 3.49
C SER B 181 15.54 -20.41 2.65
N SER B 182 15.63 -20.93 1.42
CA SER B 182 16.71 -20.63 0.48
C SER B 182 16.69 -19.18 0.00
N GLY B 183 15.57 -18.49 0.15
CA GLY B 183 15.37 -17.14 -0.35
C GLY B 183 14.74 -17.09 -1.73
N LEU B 184 14.43 -18.25 -2.30
CA LEU B 184 13.78 -18.34 -3.59
C LEU B 184 12.26 -18.66 -3.39
N TYR B 185 11.41 -18.26 -4.33
CA TYR B 185 9.99 -18.51 -4.24
C TYR B 185 9.59 -19.84 -4.91
N SER B 186 8.44 -20.38 -4.53
CA SER B 186 7.89 -21.57 -5.18
C SER B 186 6.38 -21.29 -5.28
N LEU B 187 5.77 -21.70 -6.40
CA LEU B 187 4.33 -21.50 -6.63
C LEU B 187 3.79 -22.79 -7.26
N SER B 188 2.60 -23.21 -6.85
CA SER B 188 1.95 -24.36 -7.43
C SER B 188 0.65 -23.88 -8.09
N SER B 189 0.31 -24.50 -9.21
CA SER B 189 -0.92 -24.23 -9.96
C SER B 189 -1.47 -25.59 -10.32
N VAL B 190 -2.71 -25.84 -9.98
CA VAL B 190 -3.34 -27.13 -10.22
C VAL B 190 -4.66 -26.93 -10.98
N VAL B 191 -5.19 -28.03 -11.51
CA VAL B 191 -6.47 -28.03 -12.18
C VAL B 191 -7.08 -29.41 -12.02
N THR B 192 -8.41 -29.47 -11.82
CA THR B 192 -9.11 -30.74 -11.76
C THR B 192 -9.80 -30.90 -13.11
N VAL B 193 -9.71 -32.09 -13.68
CA VAL B 193 -10.25 -32.43 -14.99
C VAL B 193 -10.90 -33.82 -14.89
N PRO B 194 -11.78 -34.17 -15.83
CA PRO B 194 -12.35 -35.53 -15.81
C PRO B 194 -11.23 -36.54 -16.07
N SER B 195 -11.25 -37.67 -15.34
CA SER B 195 -10.25 -38.72 -15.54
CA SER B 195 -10.27 -38.74 -15.53
C SER B 195 -10.39 -39.32 -16.95
N SER B 196 -11.60 -39.33 -17.51
CA SER B 196 -11.88 -39.83 -18.85
C SER B 196 -11.20 -39.00 -19.97
N SER B 197 -10.76 -37.79 -19.66
CA SER B 197 -10.09 -36.93 -20.63
C SER B 197 -8.56 -37.17 -20.74
N LEU B 198 -7.97 -37.88 -19.79
CA LEU B 198 -6.52 -38.05 -19.67
C LEU B 198 -5.84 -38.83 -20.81
N GLY B 199 -6.56 -39.72 -21.45
CA GLY B 199 -6.03 -40.46 -22.59
C GLY B 199 -6.03 -39.62 -23.85
N THR B 200 -6.96 -38.67 -23.97
CA THR B 200 -7.12 -37.85 -25.18
C THR B 200 -6.47 -36.46 -25.14
N GLN B 201 -6.71 -35.70 -24.08
CA GLN B 201 -6.25 -34.34 -23.99
C GLN B 201 -4.86 -34.20 -23.45
N THR B 202 -4.19 -33.14 -23.85
CA THR B 202 -2.87 -32.79 -23.37
C THR B 202 -3.05 -31.49 -22.58
N TYR B 203 -2.62 -31.48 -21.33
CA TYR B 203 -2.74 -30.32 -20.47
C TYR B 203 -1.39 -29.69 -20.34
N ILE B 204 -1.30 -28.40 -20.68
CA ILE B 204 -0.07 -27.66 -20.68
C ILE B 204 -0.13 -26.48 -19.73
N CYS B 205 0.85 -26.37 -18.82
N CYS B 205 0.86 -26.38 -18.86
CA CYS B 205 0.93 -25.18 -17.98
CA CYS B 205 1.01 -25.31 -17.90
C CYS B 205 1.94 -24.27 -18.62
C CYS B 205 2.00 -24.28 -18.52
N ASN B 206 1.54 -23.05 -18.86
CA ASN B 206 2.37 -22.02 -19.48
C ASN B 206 2.82 -21.07 -18.39
N VAL B 207 4.11 -21.07 -18.11
CA VAL B 207 4.71 -20.31 -17.03
C VAL B 207 5.55 -19.20 -17.63
N ASN B 208 5.38 -17.98 -17.13
CA ASN B 208 6.20 -16.87 -17.58
C ASN B 208 6.81 -16.21 -16.38
N HIS B 209 8.12 -15.93 -16.42
CA HIS B 209 8.79 -15.23 -15.34
C HIS B 209 9.51 -14.09 -16.04
N LYS B 210 8.83 -12.92 -16.18
CA LYS B 210 9.39 -11.77 -16.90
C LYS B 210 10.76 -11.27 -16.37
N PRO B 211 11.03 -11.21 -15.05
CA PRO B 211 12.36 -10.73 -14.60
C PRO B 211 13.56 -11.48 -15.19
N SER B 212 13.44 -12.80 -15.41
CA SER B 212 14.54 -13.56 -16.02
C SER B 212 14.32 -13.86 -17.52
N ASN B 213 13.21 -13.36 -18.11
CA ASN B 213 12.83 -13.63 -19.51
C ASN B 213 12.72 -15.14 -19.75
N THR B 214 12.10 -15.84 -18.79
CA THR B 214 11.95 -17.29 -18.89
C THR B 214 10.50 -17.57 -19.24
N LYS B 215 10.28 -18.45 -20.20
CA LYS B 215 8.95 -18.88 -20.60
C LYS B 215 9.02 -20.40 -20.77
N VAL B 216 8.15 -21.14 -20.06
CA VAL B 216 8.14 -22.61 -20.09
C VAL B 216 6.71 -23.09 -20.38
N ASP B 217 6.54 -24.01 -21.32
CA ASP B 217 5.23 -24.58 -21.62
C ASP B 217 5.35 -26.06 -21.30
N LYS B 218 5.05 -26.45 -20.05
CA LYS B 218 5.23 -27.81 -19.58
C LYS B 218 4.00 -28.71 -19.79
N LYS B 219 4.12 -29.74 -20.64
CA LYS B 219 3.03 -30.70 -20.84
C LYS B 219 2.98 -31.58 -19.60
N VAL B 220 1.83 -31.72 -18.96
CA VAL B 220 1.70 -32.52 -17.75
C VAL B 220 1.15 -33.85 -18.10
N GLU B 221 2.03 -34.85 -18.14
CA GLU B 221 1.74 -36.20 -18.63
C GLU B 221 1.41 -37.21 -17.54
N PRO B 222 0.55 -38.20 -17.88
CA PRO B 222 0.16 -39.20 -16.87
C PRO B 222 1.26 -40.20 -16.53
N LYS B 223 2.13 -39.89 -15.54
CA LYS B 223 3.20 -40.80 -15.12
C LYS B 223 2.61 -42.12 -14.62
N ASP C 1 3.01 4.04 22.21
CA ASP C 1 2.10 4.00 21.07
C ASP C 1 0.70 3.54 21.47
N ILE C 2 -0.31 3.96 20.72
CA ILE C 2 -1.67 3.52 20.94
C ILE C 2 -1.90 2.24 20.15
N GLN C 3 -2.32 1.17 20.82
CA GLN C 3 -2.60 -0.10 20.16
C GLN C 3 -4.06 -0.16 19.80
N MET C 4 -4.36 -0.42 18.52
CA MET C 4 -5.73 -0.51 18.02
C MET C 4 -6.01 -1.98 17.84
N THR C 5 -7.05 -2.48 18.53
CA THR C 5 -7.44 -3.87 18.47
C THR C 5 -8.78 -4.01 17.74
N GLN C 6 -8.77 -4.76 16.66
CA GLN C 6 -9.98 -5.01 15.91
C GLN C 6 -10.49 -6.37 16.18
N SER C 7 -11.80 -6.51 16.12
CA SER C 7 -12.44 -7.78 16.30
C SER C 7 -13.79 -7.82 15.59
N PRO C 8 -14.16 -9.00 15.03
CA PRO C 8 -13.36 -10.22 14.96
C PRO C 8 -12.24 -10.06 13.93
N SER C 9 -11.29 -11.00 13.91
CA SER C 9 -10.25 -11.01 12.88
C SER C 9 -10.86 -11.35 11.51
N THR C 10 -11.89 -12.20 11.52
CA THR C 10 -12.62 -12.61 10.35
C THR C 10 -14.05 -12.87 10.71
N LEU C 11 -14.94 -12.70 9.74
CA LEU C 11 -16.34 -13.01 9.92
C LEU C 11 -16.93 -13.46 8.60
N SER C 12 -17.89 -14.36 8.66
CA SER C 12 -18.57 -14.90 7.49
C SER C 12 -19.97 -14.36 7.45
N ALA C 13 -20.37 -13.81 6.32
CA ALA C 13 -21.71 -13.24 6.18
C ALA C 13 -22.24 -13.40 4.75
N SER C 14 -23.55 -13.27 4.57
CA SER C 14 -24.23 -13.34 3.28
C SER C 14 -24.69 -11.96 2.81
N VAL C 15 -24.97 -11.80 1.51
CA VAL C 15 -25.55 -10.57 0.94
C VAL C 15 -26.92 -10.36 1.64
N GLY C 16 -27.11 -9.17 2.20
CA GLY C 16 -28.32 -8.83 2.94
C GLY C 16 -28.12 -8.75 4.44
N ASP C 17 -27.03 -9.37 4.96
CA ASP C 17 -26.77 -9.39 6.40
C ASP C 17 -26.23 -8.06 6.93
N ARG C 18 -26.32 -7.86 8.26
CA ARG C 18 -25.72 -6.69 8.90
C ARG C 18 -24.44 -7.20 9.57
N VAL C 19 -23.35 -6.47 9.39
CA VAL C 19 -22.06 -6.83 9.97
C VAL C 19 -21.62 -5.70 10.89
N THR C 20 -21.09 -6.03 12.07
CA THR C 20 -20.53 -5.03 12.97
C THR C 20 -19.10 -5.41 13.30
N ILE C 21 -18.18 -4.50 13.01
CA ILE C 21 -16.76 -4.68 13.25
C ILE C 21 -16.39 -3.71 14.34
N THR C 22 -15.62 -4.16 15.32
CA THR C 22 -15.25 -3.32 16.45
C THR C 22 -13.79 -3.00 16.46
N CYS C 23 -13.46 -1.79 16.88
CA CYS C 23 -12.11 -1.30 17.03
C CYS C 23 -12.00 -0.71 18.45
N ARG C 24 -11.04 -1.19 19.24
CA ARG C 24 -10.80 -0.70 20.58
C ARG C 24 -9.40 -0.10 20.66
N ALA C 25 -9.28 1.08 21.25
CA ALA C 25 -7.99 1.76 21.40
C ALA C 25 -7.45 1.50 22.83
N SER C 26 -6.13 1.33 22.99
CA SER C 26 -5.53 1.10 24.33
C SER C 26 -5.66 2.32 25.26
N GLN C 27 -5.81 3.52 24.68
CA GLN C 27 -6.02 4.77 25.42
C GLN C 27 -7.07 5.58 24.64
N SER C 28 -7.63 6.65 25.25
CA SER C 28 -8.59 7.48 24.50
C SER C 28 -7.98 8.11 23.21
N ILE C 29 -8.74 8.08 22.12
CA ILE C 29 -8.35 8.72 20.86
C ILE C 29 -9.37 9.80 20.44
N SER C 30 -10.25 10.28 21.40
CA SER C 30 -11.33 11.25 21.17
C SER C 30 -12.20 10.67 20.02
N SER C 31 -12.42 11.38 18.91
CA SER C 31 -13.10 10.80 17.76
C SER C 31 -12.17 10.75 16.55
N TRP C 32 -10.84 10.74 16.74
CA TRP C 32 -9.91 10.74 15.60
C TRP C 32 -9.62 9.35 15.12
N LEU C 33 -10.63 8.74 14.52
CA LEU C 33 -10.60 7.38 14.03
C LEU C 33 -11.18 7.34 12.62
N ALA C 34 -10.53 6.62 11.71
CA ALA C 34 -11.00 6.45 10.36
C ALA C 34 -11.08 4.95 10.04
N TRP C 35 -11.97 4.58 9.10
CA TRP C 35 -12.17 3.20 8.66
C TRP C 35 -11.86 3.14 7.17
N TYR C 36 -11.17 2.07 6.74
CA TYR C 36 -10.79 1.81 5.35
C TYR C 36 -11.25 0.43 4.90
N GLN C 37 -11.46 0.29 3.60
CA GLN C 37 -11.75 -0.98 2.96
C GLN C 37 -10.56 -1.31 2.06
N GLN C 38 -10.15 -2.56 2.02
CA GLN C 38 -9.06 -2.97 1.13
C GLN C 38 -9.34 -4.30 0.48
N LYS C 39 -9.23 -4.32 -0.81
CA LYS C 39 -9.35 -5.56 -1.59
C LYS C 39 -7.95 -6.05 -1.97
N PRO C 40 -7.76 -7.38 -2.10
CA PRO C 40 -6.41 -7.89 -2.41
C PRO C 40 -5.75 -7.25 -3.64
N GLY C 41 -4.50 -6.82 -3.49
CA GLY C 41 -3.75 -6.20 -4.57
C GLY C 41 -4.09 -4.74 -4.86
N LYS C 42 -4.98 -4.15 -4.06
CA LYS C 42 -5.39 -2.77 -4.25
C LYS C 42 -5.07 -1.94 -3.02
N ALA C 43 -5.08 -0.63 -3.22
CA ALA C 43 -4.89 0.30 -2.13
C ALA C 43 -6.14 0.41 -1.23
N PRO C 44 -5.95 0.70 0.04
CA PRO C 44 -7.09 0.96 0.92
C PRO C 44 -7.92 2.16 0.40
N LYS C 45 -9.18 2.16 0.74
CA LYS C 45 -10.12 3.19 0.34
C LYS C 45 -10.73 3.75 1.64
N LEU C 46 -10.74 5.08 1.80
CA LEU C 46 -11.36 5.70 2.98
C LEU C 46 -12.89 5.58 2.93
N LEU C 47 -13.50 5.11 4.02
CA LEU C 47 -14.95 5.00 4.13
C LEU C 47 -15.52 6.05 5.08
N ILE C 48 -14.91 6.16 6.27
CA ILE C 48 -15.41 7.00 7.33
C ILE C 48 -14.24 7.72 7.97
N TYR C 49 -14.39 9.01 8.32
CA TYR C 49 -13.38 9.74 9.09
C TYR C 49 -14.05 10.39 10.32
N LYS C 50 -13.25 10.77 11.32
CA LYS C 50 -13.75 11.36 12.56
C LYS C 50 -14.85 10.50 13.22
N ALA C 51 -14.63 9.17 13.20
CA ALA C 51 -15.47 8.09 13.78
C ALA C 51 -16.84 7.87 13.10
N SER C 52 -17.49 8.92 12.57
CA SER C 52 -18.84 8.76 12.01
C SER C 52 -19.13 9.53 10.75
N SER C 53 -18.16 10.32 10.23
CA SER C 53 -18.44 11.10 9.00
C SER C 53 -18.23 10.26 7.76
N LEU C 54 -19.27 10.08 6.97
CA LEU C 54 -19.20 9.27 5.77
C LEU C 54 -18.48 10.03 4.66
N GLU C 55 -17.44 9.40 4.09
CA GLU C 55 -16.66 9.98 3.01
C GLU C 55 -17.50 10.13 1.73
N SER C 56 -17.28 11.21 0.98
CA SER C 56 -17.96 11.51 -0.27
C SER C 56 -17.84 10.34 -1.25
N GLY C 57 -18.96 9.91 -1.80
CA GLY C 57 -18.97 8.79 -2.74
C GLY C 57 -19.15 7.42 -2.13
N VAL C 58 -19.02 7.31 -0.79
CA VAL C 58 -19.19 6.03 -0.08
C VAL C 58 -20.68 5.78 0.20
N PRO C 59 -21.19 4.58 -0.13
CA PRO C 59 -22.62 4.29 0.11
C PRO C 59 -23.03 4.41 1.57
N SER C 60 -24.29 4.82 1.77
CA SER C 60 -24.85 5.07 3.09
C SER C 60 -25.09 3.82 3.93
N ARG C 61 -24.95 2.62 3.34
CA ARG C 61 -25.04 1.40 4.14
C ARG C 61 -23.87 1.26 5.13
N PHE C 62 -22.80 2.08 4.98
CA PHE C 62 -21.67 2.11 5.89
C PHE C 62 -21.88 3.22 6.90
N SER C 63 -21.73 2.88 8.18
CA SER C 63 -21.85 3.88 9.23
C SER C 63 -20.90 3.58 10.35
N GLY C 64 -20.37 4.61 10.95
CA GLY C 64 -19.44 4.46 12.05
C GLY C 64 -19.99 5.10 13.29
N SER C 65 -19.64 4.57 14.46
CA SER C 65 -20.02 5.16 15.74
C SER C 65 -18.93 4.91 16.79
N GLY C 66 -18.95 5.71 17.84
CA GLY C 66 -17.97 5.58 18.90
C GLY C 66 -17.21 6.83 19.25
N SER C 67 -16.56 6.79 20.41
CA SER C 67 -15.73 7.86 20.94
C SER C 67 -14.81 7.26 22.00
N GLY C 68 -13.70 7.92 22.27
CA GLY C 68 -12.79 7.50 23.32
C GLY C 68 -12.01 6.24 23.02
N THR C 69 -12.46 5.08 23.52
CA THR C 69 -11.74 3.82 23.29
C THR C 69 -12.53 2.72 22.57
N GLU C 70 -13.79 2.97 22.21
CA GLU C 70 -14.61 1.92 21.58
C GLU C 70 -15.33 2.44 20.35
N PHE C 71 -15.09 1.80 19.22
CA PHE C 71 -15.64 2.23 17.94
C PHE C 71 -16.17 1.07 17.14
N THR C 72 -17.22 1.30 16.34
CA THR C 72 -17.76 0.24 15.50
C THR C 72 -17.97 0.75 14.07
N LEU C 73 -17.88 -0.17 13.11
CA LEU C 73 -18.20 0.06 11.70
C LEU C 73 -19.31 -0.93 11.42
N THR C 74 -20.43 -0.43 10.91
CA THR C 74 -21.58 -1.27 10.62
C THR C 74 -21.90 -1.16 9.15
N ILE C 75 -22.14 -2.28 8.54
CA ILE C 75 -22.56 -2.33 7.15
C ILE C 75 -23.95 -2.95 7.21
N SER C 76 -24.98 -2.19 6.90
CA SER C 76 -26.35 -2.69 6.95
C SER C 76 -26.68 -3.28 5.56
N SER C 77 -27.21 -4.49 5.48
CA SER C 77 -27.53 -5.13 4.19
C SER C 77 -26.31 -5.17 3.23
N LEU C 78 -25.39 -6.08 3.56
CA LEU C 78 -24.15 -6.31 2.86
C LEU C 78 -24.39 -6.59 1.35
N GLN C 79 -23.52 -6.03 0.50
CA GLN C 79 -23.59 -6.23 -0.94
CA GLN C 79 -23.60 -6.24 -0.95
C GLN C 79 -22.33 -6.95 -1.46
N PRO C 80 -22.36 -7.60 -2.66
CA PRO C 80 -21.14 -8.28 -3.14
C PRO C 80 -19.83 -7.46 -3.14
N ASP C 81 -19.91 -6.15 -3.38
CA ASP C 81 -18.73 -5.27 -3.36
C ASP C 81 -18.11 -5.12 -1.95
N ASP C 82 -18.83 -5.51 -0.90
CA ASP C 82 -18.37 -5.29 0.47
C ASP C 82 -17.50 -6.41 1.06
N PHE C 83 -17.33 -7.54 0.35
CA PHE C 83 -16.47 -8.61 0.86
C PHE C 83 -15.06 -8.12 0.62
N ALA C 84 -14.35 -7.81 1.70
CA ALA C 84 -13.04 -7.18 1.64
C ALA C 84 -12.44 -7.20 3.09
N THR C 85 -11.23 -6.65 3.30
CA THR C 85 -10.70 -6.47 4.64
C THR C 85 -10.95 -5.01 5.05
N TYR C 86 -11.24 -4.80 6.32
CA TYR C 86 -11.50 -3.46 6.85
C TYR C 86 -10.48 -3.14 7.91
N TYR C 87 -9.95 -1.91 7.93
CA TYR C 87 -8.98 -1.51 8.95
C TYR C 87 -9.42 -0.21 9.60
N CYS C 88 -9.13 -0.05 10.89
CA CYS C 88 -9.36 1.22 11.56
C CYS C 88 -7.99 1.91 11.74
N GLN C 89 -8.00 3.22 11.87
CA GLN C 89 -6.79 4.01 12.03
C GLN C 89 -7.05 5.08 13.08
N GLN C 90 -6.11 5.27 14.03
CA GLN C 90 -6.23 6.39 14.93
C GLN C 90 -5.28 7.49 14.48
N TYR C 91 -5.73 8.74 14.59
CA TYR C 91 -4.88 9.89 14.29
C TYR C 91 -5.03 10.95 15.39
N ASN C 92 -5.14 10.49 16.63
CA ASN C 92 -5.21 11.36 17.79
C ASN C 92 -3.76 11.80 18.10
N ILE C 93 -2.82 10.84 18.17
CA ILE C 93 -1.42 11.16 18.50
C ILE C 93 -0.45 10.33 17.66
N TYR C 94 0.79 10.79 17.57
CA TYR C 94 1.84 10.06 16.88
C TYR C 94 2.36 8.91 17.76
N PRO C 95 2.81 7.81 17.16
CA PRO C 95 2.68 7.51 15.72
C PRO C 95 1.24 7.14 15.38
N ILE C 96 0.80 7.45 14.14
CA ILE C 96 -0.48 6.99 13.60
C ILE C 96 -0.41 5.44 13.59
N THR C 97 -1.48 4.79 14.08
CA THR C 97 -1.53 3.34 14.15
C THR C 97 -2.82 2.83 13.60
N PHE C 98 -2.79 1.60 13.12
CA PHE C 98 -3.91 0.91 12.51
C PHE C 98 -4.27 -0.34 13.28
N GLY C 99 -5.53 -0.72 13.21
CA GLY C 99 -6.01 -2.00 13.73
C GLY C 99 -5.48 -3.11 12.83
N GLY C 100 -5.56 -4.36 13.32
CA GLY C 100 -5.02 -5.51 12.59
C GLY C 100 -5.80 -6.02 11.40
N GLY C 101 -7.00 -5.49 11.20
CA GLY C 101 -7.84 -5.86 10.08
C GLY C 101 -8.91 -6.87 10.44
N THR C 102 -10.05 -6.80 9.72
CA THR C 102 -11.14 -7.74 9.85
C THR C 102 -11.50 -8.14 8.43
N LYS C 103 -11.37 -9.43 8.12
CA LYS C 103 -11.75 -9.91 6.81
C LYS C 103 -13.23 -10.30 6.77
N VAL C 104 -13.98 -9.71 5.86
CA VAL C 104 -15.38 -10.05 5.66
C VAL C 104 -15.49 -11.01 4.48
N GLU C 105 -15.83 -12.25 4.75
CA GLU C 105 -15.89 -13.28 3.71
C GLU C 105 -17.30 -13.86 3.52
N ILE C 106 -17.51 -14.48 2.36
CA ILE C 106 -18.79 -15.02 1.92
C ILE C 106 -19.14 -16.33 2.60
N LYS C 107 -20.26 -16.31 3.30
CA LYS C 107 -20.76 -17.51 3.94
C LYS C 107 -21.37 -18.40 2.87
N ARG C 108 -21.10 -19.69 2.94
CA ARG C 108 -21.71 -20.68 2.04
C ARG C 108 -21.83 -21.99 2.82
N THR C 109 -22.43 -23.03 2.21
CA THR C 109 -22.58 -24.32 2.91
C THR C 109 -21.23 -25.01 3.12
N VAL C 110 -21.14 -25.82 4.18
CA VAL C 110 -19.90 -26.58 4.44
C VAL C 110 -19.60 -27.52 3.24
N ALA C 111 -18.33 -27.58 2.84
CA ALA C 111 -17.87 -28.42 1.74
C ALA C 111 -16.58 -29.08 2.20
N ALA C 112 -16.57 -30.41 2.25
CA ALA C 112 -15.35 -31.14 2.62
C ALA C 112 -14.30 -31.02 1.46
N PRO C 113 -13.00 -31.02 1.78
CA PRO C 113 -11.99 -30.98 0.72
C PRO C 113 -11.88 -32.32 -0.02
N SER C 114 -11.55 -32.24 -1.32
CA SER C 114 -11.17 -33.38 -2.15
C SER C 114 -9.64 -33.36 -1.99
N VAL C 115 -9.04 -34.46 -1.53
CA VAL C 115 -7.60 -34.46 -1.22
C VAL C 115 -6.82 -35.26 -2.25
N PHE C 116 -5.70 -34.72 -2.69
CA PHE C 116 -4.84 -35.37 -3.67
C PHE C 116 -3.41 -35.31 -3.18
N ILE C 117 -2.62 -36.35 -3.42
CA ILE C 117 -1.20 -36.35 -3.06
C ILE C 117 -0.38 -36.62 -4.32
N PHE C 118 0.72 -35.90 -4.48
CA PHE C 118 1.62 -36.02 -5.61
C PHE C 118 3.06 -36.32 -5.15
N PRO C 119 3.62 -37.44 -5.62
CA PRO C 119 5.05 -37.70 -5.36
C PRO C 119 5.91 -36.69 -6.16
N PRO C 120 7.21 -36.56 -5.82
CA PRO C 120 8.07 -35.69 -6.65
C PRO C 120 8.23 -36.27 -8.05
N SER C 121 8.35 -35.38 -9.04
CA SER C 121 8.58 -35.82 -10.41
C SER C 121 9.98 -36.44 -10.52
N ASP C 122 10.16 -37.32 -11.51
CA ASP C 122 11.48 -37.90 -11.77
C ASP C 122 12.47 -36.83 -12.23
N GLU C 123 11.97 -35.80 -12.93
CA GLU C 123 12.76 -34.65 -13.38
C GLU C 123 13.33 -33.87 -12.19
N GLN C 124 12.54 -33.66 -11.12
CA GLN C 124 13.04 -32.96 -9.94
C GLN C 124 14.07 -33.83 -9.19
N LEU C 125 13.76 -35.14 -9.04
CA LEU C 125 14.65 -36.08 -8.37
C LEU C 125 16.06 -36.08 -9.00
N LYS C 126 16.13 -35.89 -10.33
CA LYS C 126 17.41 -35.78 -11.05
C LYS C 126 18.32 -34.66 -10.54
N SER C 127 17.78 -33.66 -9.80
CA SER C 127 18.58 -32.54 -9.28
C SER C 127 18.91 -32.57 -7.77
N GLY C 128 18.48 -33.60 -7.05
CA GLY C 128 18.85 -33.75 -5.65
C GLY C 128 17.85 -33.35 -4.57
N THR C 129 16.65 -32.87 -4.97
CA THR C 129 15.62 -32.45 -4.02
C THR C 129 14.29 -33.11 -4.35
N ALA C 130 13.47 -33.38 -3.33
CA ALA C 130 12.16 -33.98 -3.52
C ALA C 130 11.09 -33.08 -2.89
N SER C 131 10.08 -32.77 -3.65
CA SER C 131 8.94 -32.02 -3.16
C SER C 131 7.73 -32.94 -3.25
N VAL C 132 7.06 -33.19 -2.13
CA VAL C 132 5.84 -34.01 -2.13
C VAL C 132 4.72 -32.99 -1.92
N VAL C 133 3.68 -33.01 -2.76
CA VAL C 133 2.60 -32.01 -2.66
C VAL C 133 1.26 -32.62 -2.28
N CYS C 134 0.56 -31.99 -1.32
CA CYS C 134 -0.78 -32.41 -0.89
C CYS C 134 -1.73 -31.28 -1.26
N LEU C 135 -2.77 -31.58 -2.01
CA LEU C 135 -3.77 -30.60 -2.43
C LEU C 135 -5.09 -30.85 -1.71
N LEU C 136 -5.66 -29.82 -1.08
CA LEU C 136 -6.98 -29.86 -0.43
C LEU C 136 -7.82 -28.96 -1.31
N ASN C 137 -8.75 -29.53 -2.09
CA ASN C 137 -9.48 -28.73 -3.07
C ASN C 137 -10.92 -28.43 -2.76
N ASN C 138 -11.34 -27.14 -2.99
CA ASN C 138 -12.73 -26.67 -2.88
C ASN C 138 -13.43 -27.04 -1.57
N PHE C 139 -12.94 -26.49 -0.48
CA PHE C 139 -13.48 -26.73 0.84
C PHE C 139 -14.04 -25.44 1.46
N TYR C 140 -14.88 -25.58 2.45
CA TYR C 140 -15.47 -24.46 3.18
C TYR C 140 -15.94 -25.00 4.54
N PRO C 141 -15.58 -24.35 5.67
CA PRO C 141 -14.84 -23.08 5.80
C PRO C 141 -13.31 -23.20 5.65
N ARG C 142 -12.60 -22.06 5.70
CA ARG C 142 -11.15 -21.91 5.51
C ARG C 142 -10.29 -22.74 6.46
N GLU C 143 -10.75 -22.92 7.72
CA GLU C 143 -10.00 -23.69 8.71
C GLU C 143 -9.78 -25.12 8.26
N ALA C 144 -8.52 -25.49 8.03
CA ALA C 144 -8.11 -26.81 7.59
C ALA C 144 -6.70 -27.06 8.13
N LYS C 145 -6.43 -28.28 8.55
CA LYS C 145 -5.12 -28.65 9.08
C LYS C 145 -4.53 -29.80 8.28
N VAL C 146 -3.25 -29.71 7.93
CA VAL C 146 -2.58 -30.76 7.19
C VAL C 146 -1.46 -31.33 8.05
N GLN C 147 -1.36 -32.66 8.09
CA GLN C 147 -0.34 -33.32 8.86
C GLN C 147 0.40 -34.31 7.95
N TRP C 148 1.71 -34.14 7.81
CA TRP C 148 2.55 -34.99 6.99
C TRP C 148 3.17 -36.14 7.80
N LYS C 149 3.17 -37.34 7.24
CA LYS C 149 3.78 -38.51 7.87
C LYS C 149 4.67 -39.24 6.84
N VAL C 150 5.87 -39.65 7.26
CA VAL C 150 6.77 -40.41 6.38
C VAL C 150 7.08 -41.71 7.11
N ASP C 151 6.63 -42.86 6.58
CA ASP C 151 6.71 -44.17 7.24
C ASP C 151 6.12 -44.11 8.66
N ASN C 152 4.99 -43.37 8.78
CA ASN C 152 4.24 -43.06 10.00
C ASN C 152 4.93 -42.09 10.97
N ALA C 153 6.15 -41.63 10.67
CA ALA C 153 6.83 -40.65 11.52
C ALA C 153 6.31 -39.28 11.14
N LEU C 154 5.74 -38.61 12.12
CA LEU C 154 5.16 -37.30 11.96
C LEU C 154 6.24 -36.29 11.61
N GLN C 155 5.98 -35.45 10.59
CA GLN C 155 6.93 -34.44 10.12
C GLN C 155 6.64 -33.06 10.69
N SER C 156 7.70 -32.32 11.01
N SER C 156 7.70 -32.31 11.01
CA SER C 156 7.57 -30.97 11.54
CA SER C 156 7.54 -30.96 11.54
C SER C 156 8.69 -30.09 11.00
C SER C 156 8.69 -30.08 11.07
N GLY C 157 8.36 -28.86 10.67
CA GLY C 157 9.34 -27.88 10.21
C GLY C 157 9.80 -28.00 8.78
N ASN C 158 9.36 -29.04 8.05
CA ASN C 158 9.78 -29.23 6.67
C ASN C 158 8.63 -29.12 5.66
N SER C 159 7.57 -28.37 6.01
CA SER C 159 6.48 -28.13 5.09
C SER C 159 6.06 -26.65 5.05
N GLN C 160 5.54 -26.22 3.90
CA GLN C 160 5.02 -24.88 3.69
C GLN C 160 3.69 -24.98 2.96
N GLU C 161 2.78 -24.07 3.26
CA GLU C 161 1.46 -24.10 2.64
C GLU C 161 0.97 -22.76 2.24
N SER C 162 0.05 -22.76 1.29
CA SER C 162 -0.60 -21.54 0.87
C SER C 162 -2.03 -21.85 0.47
N VAL C 163 -2.87 -20.85 0.61
CA VAL C 163 -4.30 -20.99 0.43
C VAL C 163 -4.75 -19.96 -0.57
N THR C 164 -5.66 -20.33 -1.47
CA THR C 164 -6.23 -19.37 -2.41
C THR C 164 -7.24 -18.43 -1.67
N GLU C 165 -7.64 -17.32 -2.34
CA GLU C 165 -8.73 -16.51 -1.83
C GLU C 165 -10.03 -17.27 -2.22
N GLN C 166 -11.19 -16.83 -1.71
CA GLN C 166 -12.47 -17.47 -2.04
C GLN C 166 -12.71 -17.49 -3.53
N ASP C 167 -12.99 -18.67 -4.07
CA ASP C 167 -13.23 -18.86 -5.48
C ASP C 167 -14.37 -17.95 -5.98
N SER C 168 -14.15 -17.28 -7.12
CA SER C 168 -15.14 -16.34 -7.67
C SER C 168 -16.45 -17.01 -8.03
N LYS C 169 -16.43 -18.32 -8.32
CA LYS C 169 -17.66 -19.03 -8.69
C LYS C 169 -18.36 -19.71 -7.51
N ASP C 170 -17.64 -20.53 -6.71
CA ASP C 170 -18.33 -21.32 -5.67
C ASP C 170 -18.00 -20.92 -4.21
N SER C 171 -17.18 -19.86 -4.02
CA SER C 171 -16.80 -19.31 -2.71
C SER C 171 -16.08 -20.31 -1.80
N THR C 172 -15.42 -21.33 -2.38
CA THR C 172 -14.64 -22.28 -1.60
C THR C 172 -13.16 -21.82 -1.52
N TYR C 173 -12.36 -22.52 -0.72
CA TYR C 173 -10.92 -22.33 -0.59
C TYR C 173 -10.23 -23.57 -1.11
N SER C 174 -8.99 -23.44 -1.50
CA SER C 174 -8.13 -24.55 -1.86
C SER C 174 -6.78 -24.30 -1.16
N LEU C 175 -6.11 -25.37 -0.79
CA LEU C 175 -4.85 -25.26 -0.05
C LEU C 175 -3.87 -26.26 -0.62
N SER C 176 -2.61 -25.87 -0.68
CA SER C 176 -1.56 -26.72 -1.18
C SER C 176 -0.49 -26.75 -0.11
N SER C 177 -0.03 -27.92 0.27
CA SER C 177 1.06 -28.06 1.24
C SER C 177 2.21 -28.82 0.54
N THR C 178 3.44 -28.38 0.72
CA THR C 178 4.60 -29.01 0.11
C THR C 178 5.57 -29.45 1.18
N LEU C 179 5.89 -30.76 1.19
CA LEU C 179 6.86 -31.38 2.08
C LEU C 179 8.18 -31.40 1.32
N THR C 180 9.24 -30.81 1.89
CA THR C 180 10.53 -30.78 1.21
C THR C 180 11.52 -31.70 1.90
N LEU C 181 12.07 -32.65 1.17
CA LEU C 181 13.08 -33.58 1.69
C LEU C 181 14.24 -33.59 0.71
N SER C 182 15.41 -34.05 1.16
CA SER C 182 16.51 -34.28 0.26
C SER C 182 16.19 -35.57 -0.55
N LYS C 183 16.80 -35.75 -1.72
CA LYS C 183 16.60 -36.98 -2.51
C LYS C 183 17.09 -38.19 -1.70
N ALA C 184 18.21 -38.04 -0.95
CA ALA C 184 18.70 -39.13 -0.11
C ALA C 184 17.67 -39.59 0.93
N ASP C 185 17.06 -38.67 1.72
CA ASP C 185 16.05 -39.02 2.71
C ASP C 185 14.78 -39.59 2.04
N TYR C 186 14.36 -38.98 0.90
CA TYR C 186 13.21 -39.46 0.12
C TYR C 186 13.36 -40.93 -0.29
N GLU C 187 14.54 -41.31 -0.83
CA GLU C 187 14.76 -42.69 -1.25
C GLU C 187 14.87 -43.69 -0.07
N LYS C 188 15.02 -43.20 1.16
CA LYS C 188 15.13 -44.07 2.34
C LYS C 188 13.81 -44.44 3.00
N HIS C 189 12.71 -43.85 2.55
CA HIS C 189 11.40 -44.11 3.10
C HIS C 189 10.43 -44.50 2.03
N LYS C 190 9.41 -45.23 2.43
CA LYS C 190 8.43 -45.78 1.52
C LYS C 190 7.07 -45.09 1.52
N VAL C 191 6.43 -44.96 2.68
CA VAL C 191 5.07 -44.42 2.76
C VAL C 191 5.02 -42.92 3.03
N TYR C 192 4.40 -42.17 2.14
CA TYR C 192 4.25 -40.72 2.23
C TYR C 192 2.81 -40.42 2.34
N ALA C 193 2.40 -39.76 3.44
CA ALA C 193 0.98 -39.51 3.65
C ALA C 193 0.66 -38.11 4.15
N CYS C 194 -0.49 -37.58 3.72
CA CYS C 194 -0.98 -36.32 4.26
C CYS C 194 -2.37 -36.54 4.85
N GLU C 195 -2.52 -36.16 6.11
CA GLU C 195 -3.75 -36.33 6.86
C GLU C 195 -4.39 -34.98 7.00
N VAL C 196 -5.64 -34.86 6.57
CA VAL C 196 -6.34 -33.59 6.53
C VAL C 196 -7.46 -33.56 7.54
N THR C 197 -7.52 -32.49 8.33
CA THR C 197 -8.58 -32.30 9.30
C THR C 197 -9.41 -31.10 8.82
N HIS C 198 -10.73 -31.31 8.67
CA HIS C 198 -11.67 -30.28 8.23
C HIS C 198 -13.04 -30.65 8.79
N GLN C 199 -13.85 -29.65 9.17
CA GLN C 199 -15.18 -29.88 9.77
C GLN C 199 -16.19 -30.57 8.84
N GLY C 200 -15.94 -30.52 7.53
CA GLY C 200 -16.78 -31.20 6.58
C GLY C 200 -16.54 -32.69 6.53
N LEU C 201 -15.42 -33.16 7.11
CA LEU C 201 -15.08 -34.59 7.16
C LEU C 201 -15.52 -35.14 8.52
N SER C 202 -16.11 -36.33 8.54
CA SER C 202 -16.56 -36.94 9.80
C SER C 202 -15.37 -37.28 10.72
N SER C 203 -14.23 -37.57 10.14
CA SER C 203 -12.97 -37.84 10.84
C SER C 203 -11.81 -37.50 9.86
N PRO C 204 -10.59 -37.20 10.35
CA PRO C 204 -9.51 -36.86 9.42
C PRO C 204 -9.26 -37.88 8.30
N VAL C 205 -9.01 -37.39 7.09
CA VAL C 205 -8.80 -38.21 5.90
C VAL C 205 -7.31 -38.31 5.60
N THR C 206 -6.82 -39.51 5.25
CA THR C 206 -5.40 -39.67 4.90
C THR C 206 -5.31 -40.10 3.44
N LYS C 207 -4.48 -39.41 2.69
CA LYS C 207 -4.15 -39.75 1.30
C LYS C 207 -2.68 -40.08 1.31
N SER C 208 -2.32 -41.20 0.68
CA SER C 208 -0.93 -41.63 0.67
C SER C 208 -0.51 -42.33 -0.60
N PHE C 209 0.81 -42.48 -0.79
CA PHE C 209 1.38 -43.25 -1.87
C PHE C 209 2.61 -44.00 -1.31
N ASN C 210 2.99 -45.03 -2.03
CA ASN C 210 4.19 -45.78 -1.70
C ASN C 210 5.19 -45.38 -2.73
N ARG C 211 6.37 -44.89 -2.33
CA ARG C 211 7.44 -44.52 -3.26
C ARG C 211 7.81 -45.69 -4.17
N GLY C 212 7.84 -45.43 -5.47
CA GLY C 212 8.16 -46.44 -6.46
C GLY C 212 6.99 -47.29 -6.90
N GLU C 213 5.76 -47.02 -6.39
CA GLU C 213 4.57 -47.80 -6.75
C GLU C 213 3.68 -47.04 -7.74
#